data_5ALF
#
_entry.id   5ALF
#
_cell.length_a   92.728
_cell.length_b   92.728
_cell.length_c   245.935
_cell.angle_alpha   90.00
_cell.angle_beta   90.00
_cell.angle_gamma   120.00
#
_symmetry.space_group_name_H-M   'P 65 2 2'
#
loop_
_entity.id
_entity.type
_entity.pdbx_description
1 polymer 'BIFUNCTIONAL EPOXIDE HYDROLASE 2'
2 non-polymer 2-phenyl-N,N-dipropyl-1H-benzimidazole-5-sulfonamide
3 water water
#
_entity_poly.entity_id   1
_entity_poly.type   'polypeptide(L)'
_entity_poly.pdbx_seq_one_letter_code
;GMTLRAAVFDLDGVLALPAVFGVLGRTEEALALPRGLLNDAFQKGGPEGATTRLMKGEITLSQWIPLMEENCRKCSETAK
VCLPKNFSIKEIFDKAISARKINRPMLQAALMLRKKGFTTAILTNTWLDDRAERDGLAQLMCELKMHFDFLIESCQVGMV
KPEPQIYKFLLDTLKASPSEVVFLDDIGANLKPARDLGMVTILVQDTDTALKELEKVTGIQLLNTPAPLPTSCNPSDMSH
GYVTVKPRVRLHFVELGSGPAVCLCHGFPESWYSWRYQIPALAQAGYRVLAMDMKGYGESSAPPEIEEYCMEVLCKEMVT
FLDKLGLSQAVFIGHDWGGMLVWYMALFYPERVRAVASLNTPFIPANPNMSPLESIKANPVFDYQLYFQEPGVAEAELEQ
NLSRTFKSLFRASDESVLSMHKVCEAGGLFVNSPEEPSLSRMVTEEEIQFYVQQFKKSGFRGPLNWYRNMERNWKWACKS
LGRKILIPALMVTAEKDFVLVPQMSQHMEDWIPHLKRGHIEDCGHWTQMDKPTEVNQILIKWLDSDARN
;
_entity_poly.pdbx_strand_id   A
#
loop_
_chem_comp.id
_chem_comp.type
_chem_comp.name
_chem_comp.formula
OE1 non-polymer 2-phenyl-N,N-dipropyl-1H-benzimidazole-5-sulfonamide 'C19 H23 N3 O2 S'
#
# COMPACT_ATOMS: atom_id res chain seq x y z
N THR A 3 -21.92 5.05 25.98
CA THR A 3 -21.44 5.43 24.64
C THR A 3 -20.41 4.45 24.08
N LEU A 4 -20.71 3.89 22.88
CA LEU A 4 -19.88 2.92 22.17
C LEU A 4 -18.54 3.50 21.84
N ARG A 5 -17.48 2.69 22.03
CA ARG A 5 -16.10 3.05 21.74
C ARG A 5 -15.28 1.90 21.14
N ALA A 6 -15.88 0.71 21.07
CA ALA A 6 -15.24 -0.47 20.47
C ALA A 6 -16.20 -1.20 19.56
N ALA A 7 -15.68 -1.71 18.43
CA ALA A 7 -16.45 -2.52 17.49
C ALA A 7 -15.72 -3.83 17.26
N VAL A 8 -16.41 -4.95 17.53
CA VAL A 8 -15.88 -6.31 17.40
C VAL A 8 -16.57 -6.99 16.25
N PHE A 9 -15.76 -7.59 15.35
CA PHE A 9 -16.24 -8.23 14.15
C PHE A 9 -15.84 -9.71 14.09
N ASP A 10 -16.76 -10.56 13.62
CA ASP A 10 -16.48 -11.98 13.36
C ASP A 10 -15.78 -12.07 11.97
N LEU A 11 -15.09 -13.17 11.67
CA LEU A 11 -14.42 -13.31 10.39
C LEU A 11 -15.37 -13.96 9.40
N ASP A 12 -15.61 -15.26 9.57
CA ASP A 12 -16.51 -16.03 8.71
C ASP A 12 -17.95 -15.50 8.78
N GLY A 13 -18.47 -15.05 7.64
CA GLY A 13 -19.81 -14.52 7.46
C GLY A 13 -19.97 -13.03 7.75
N VAL A 14 -18.92 -12.39 8.25
CA VAL A 14 -18.95 -10.98 8.59
C VAL A 14 -17.87 -10.29 7.78
N LEU A 15 -16.57 -10.48 8.13
CA LEU A 15 -15.45 -9.88 7.37
C LEU A 15 -15.03 -10.71 6.17
N ALA A 16 -15.37 -12.00 6.16
CA ALA A 16 -14.99 -12.89 5.07
C ALA A 16 -16.22 -13.60 4.49
N LEU A 17 -16.43 -13.45 3.16
CA LEU A 17 -17.55 -14.03 2.43
C LEU A 17 -17.10 -14.87 1.23
N PRO A 18 -17.70 -16.07 1.03
CA PRO A 18 -18.80 -16.68 1.79
C PRO A 18 -18.35 -17.45 3.03
N ALA A 19 -19.27 -17.71 3.94
CA ALA A 19 -18.98 -18.47 5.15
C ALA A 19 -18.88 -19.96 4.83
N VAL A 20 -18.13 -20.69 5.66
CA VAL A 20 -17.85 -22.14 5.54
C VAL A 20 -19.14 -22.96 5.59
N PHE A 21 -20.01 -22.68 6.56
CA PHE A 21 -21.30 -23.37 6.76
C PHE A 21 -22.33 -23.08 5.64
N GLY A 22 -22.01 -22.08 4.82
CA GLY A 22 -22.77 -21.73 3.62
C GLY A 22 -22.34 -22.64 2.49
N VAL A 23 -21.05 -23.02 2.48
CA VAL A 23 -20.46 -23.95 1.51
C VAL A 23 -20.81 -25.39 1.97
N LEU A 24 -20.91 -25.62 3.30
CA LEU A 24 -21.32 -26.92 3.82
C LEU A 24 -22.74 -27.26 3.33
N GLY A 25 -23.62 -26.24 3.30
CA GLY A 25 -25.00 -26.33 2.81
C GLY A 25 -25.09 -26.47 1.29
N ARG A 26 -24.24 -25.72 0.56
CA ARG A 26 -24.15 -25.74 -0.91
C ARG A 26 -23.60 -27.08 -1.40
N THR A 27 -22.75 -27.73 -0.59
CA THR A 27 -22.21 -29.06 -0.91
C THR A 27 -23.31 -30.09 -0.74
N GLU A 28 -24.15 -29.97 0.33
CA GLU A 28 -25.26 -30.88 0.61
C GLU A 28 -26.20 -30.88 -0.61
N GLU A 29 -26.60 -29.67 -1.09
CA GLU A 29 -27.46 -29.47 -2.25
C GLU A 29 -26.84 -30.07 -3.52
N ALA A 30 -25.57 -29.69 -3.84
CA ALA A 30 -24.83 -30.16 -5.03
C ALA A 30 -24.75 -31.68 -5.09
N LEU A 31 -24.51 -32.35 -3.94
CA LEU A 31 -24.42 -33.81 -3.82
C LEU A 31 -25.79 -34.47 -3.52
N ALA A 32 -26.88 -33.67 -3.47
CA ALA A 32 -28.25 -34.10 -3.15
C ALA A 32 -28.29 -34.90 -1.81
N LEU A 33 -27.57 -34.40 -0.78
CA LEU A 33 -27.52 -35.05 0.54
C LEU A 33 -28.63 -34.47 1.39
N PRO A 34 -29.09 -35.14 2.49
CA PRO A 34 -30.11 -34.53 3.34
C PRO A 34 -29.66 -33.15 3.84
N ARG A 35 -30.62 -32.24 3.97
CA ARG A 35 -30.32 -30.90 4.45
C ARG A 35 -29.71 -31.00 5.86
N GLY A 36 -28.62 -30.27 6.07
CA GLY A 36 -27.94 -30.17 7.35
C GLY A 36 -27.04 -31.33 7.72
N LEU A 37 -26.96 -32.38 6.86
CA LEU A 37 -26.13 -33.57 7.10
C LEU A 37 -24.66 -33.21 7.39
N LEU A 38 -24.04 -32.43 6.50
CA LEU A 38 -22.66 -32.00 6.64
C LEU A 38 -22.48 -31.03 7.82
N ASN A 39 -23.46 -30.14 8.05
CA ASN A 39 -23.40 -29.21 9.16
C ASN A 39 -23.56 -29.91 10.51
N ASP A 40 -24.39 -30.98 10.55
CA ASP A 40 -24.62 -31.79 11.75
C ASP A 40 -23.34 -32.59 12.07
N ALA A 41 -22.68 -33.14 11.04
CA ALA A 41 -21.39 -33.86 11.08
C ALA A 41 -20.31 -32.94 11.68
N PHE A 42 -20.23 -31.69 11.17
CA PHE A 42 -19.31 -30.65 11.60
C PHE A 42 -19.44 -30.32 13.08
N GLN A 43 -20.66 -30.20 13.59
CA GLN A 43 -20.86 -29.83 14.98
C GLN A 43 -21.02 -31.01 15.94
N LYS A 44 -20.85 -32.25 15.44
CA LYS A 44 -21.03 -33.49 16.23
C LYS A 44 -20.28 -33.56 17.58
N GLY A 45 -21.05 -33.72 18.65
CA GLY A 45 -20.55 -33.84 20.01
C GLY A 45 -20.38 -32.52 20.73
N GLY A 46 -20.86 -31.44 20.10
CA GLY A 46 -20.75 -30.06 20.61
C GLY A 46 -19.43 -29.73 21.29
N PRO A 47 -19.48 -29.38 22.61
CA PRO A 47 -18.23 -29.04 23.34
C PRO A 47 -17.25 -30.18 23.60
N GLU A 48 -17.69 -31.43 23.42
CA GLU A 48 -16.87 -32.62 23.65
C GLU A 48 -16.36 -33.23 22.32
N GLY A 49 -16.79 -32.65 21.19
CA GLY A 49 -16.46 -33.14 19.85
C GLY A 49 -15.19 -32.63 19.19
N ALA A 50 -14.90 -33.23 18.01
CA ALA A 50 -13.75 -32.96 17.13
C ALA A 50 -13.58 -31.48 16.77
N THR A 51 -14.67 -30.80 16.39
CA THR A 51 -14.60 -29.38 16.00
C THR A 51 -14.23 -28.45 17.15
N THR A 52 -14.73 -28.74 18.36
CA THR A 52 -14.40 -27.93 19.53
C THR A 52 -12.92 -28.03 19.86
N ARG A 53 -12.35 -29.25 19.76
CA ARG A 53 -10.92 -29.53 19.97
C ARG A 53 -10.06 -28.74 18.97
N LEU A 54 -10.47 -28.72 17.70
CA LEU A 54 -9.84 -28.01 16.60
C LEU A 54 -9.90 -26.48 16.86
N MET A 55 -11.10 -25.96 17.20
CA MET A 55 -11.27 -24.53 17.50
C MET A 55 -10.48 -24.08 18.73
N LYS A 56 -10.27 -24.97 19.72
CA LYS A 56 -9.48 -24.64 20.91
C LYS A 56 -7.96 -24.76 20.67
N GLY A 57 -7.58 -25.41 19.57
CA GLY A 57 -6.18 -25.59 19.22
C GLY A 57 -5.55 -26.85 19.78
N GLU A 58 -6.37 -27.83 20.17
CA GLU A 58 -5.90 -29.11 20.72
C GLU A 58 -5.27 -29.97 19.60
N ILE A 59 -5.80 -29.82 18.37
CA ILE A 59 -5.43 -30.52 17.15
C ILE A 59 -5.37 -29.51 16.00
N THR A 60 -4.64 -29.85 14.95
CA THR A 60 -4.49 -29.03 13.75
C THR A 60 -5.58 -29.38 12.76
N LEU A 61 -5.74 -28.59 11.67
CA LEU A 61 -6.74 -28.93 10.65
C LEU A 61 -6.57 -30.33 10.02
N SER A 62 -5.36 -30.69 9.59
CA SER A 62 -5.08 -32.02 8.99
C SER A 62 -5.45 -33.20 9.90
N GLN A 63 -5.13 -33.12 11.21
CA GLN A 63 -5.50 -34.16 12.21
C GLN A 63 -7.04 -34.24 12.35
N TRP A 64 -7.74 -33.12 12.06
CA TRP A 64 -9.20 -33.01 12.14
C TRP A 64 -9.95 -33.66 10.96
N ILE A 65 -9.40 -33.58 9.72
CA ILE A 65 -10.00 -34.14 8.48
C ILE A 65 -10.54 -35.56 8.70
N PRO A 66 -9.73 -36.58 9.11
CA PRO A 66 -10.29 -37.92 9.31
C PRO A 66 -11.35 -38.02 10.41
N LEU A 67 -11.40 -37.05 11.34
CA LEU A 67 -12.42 -37.06 12.41
C LEU A 67 -13.76 -36.59 11.82
N MET A 68 -13.72 -35.52 10.97
CA MET A 68 -14.86 -34.97 10.23
C MET A 68 -15.40 -36.06 9.26
N GLU A 69 -14.50 -36.86 8.65
CA GLU A 69 -14.81 -37.99 7.76
C GLU A 69 -15.70 -39.03 8.48
N GLU A 70 -15.26 -39.49 9.67
CA GLU A 70 -15.98 -40.48 10.49
C GLU A 70 -17.36 -39.96 10.92
N ASN A 71 -17.43 -38.66 11.30
CA ASN A 71 -18.68 -37.99 11.67
C ASN A 71 -19.64 -37.97 10.50
N CYS A 72 -19.15 -37.70 9.27
CA CYS A 72 -19.96 -37.76 8.05
C CYS A 72 -20.46 -39.17 7.77
N ARG A 73 -19.62 -40.22 7.97
CA ARG A 73 -20.04 -41.62 7.78
C ARG A 73 -21.14 -42.00 8.78
N LYS A 74 -20.89 -41.77 10.08
CA LYS A 74 -21.81 -42.05 11.18
C LYS A 74 -23.18 -41.33 10.99
N CYS A 75 -23.18 -40.04 10.51
CA CYS A 75 -24.36 -39.20 10.23
C CYS A 75 -25.16 -39.74 9.07
N SER A 76 -24.45 -40.11 7.99
CA SER A 76 -25.05 -40.63 6.77
C SER A 76 -25.68 -42.03 7.03
N GLU A 77 -25.15 -42.78 8.02
CA GLU A 77 -25.63 -44.10 8.45
C GLU A 77 -26.97 -43.97 9.21
N THR A 78 -27.09 -42.94 10.06
CA THR A 78 -28.27 -42.66 10.86
C THR A 78 -29.40 -42.10 9.97
N ALA A 79 -29.04 -41.29 8.96
CA ALA A 79 -29.96 -40.69 7.99
C ALA A 79 -30.41 -41.74 6.96
N LYS A 80 -29.70 -42.90 6.94
CA LYS A 80 -29.91 -44.06 6.06
C LYS A 80 -29.71 -43.64 4.60
N VAL A 81 -28.63 -42.86 4.35
CA VAL A 81 -28.20 -42.34 3.04
C VAL A 81 -26.77 -42.80 2.71
N CYS A 82 -26.31 -42.56 1.48
CA CYS A 82 -24.97 -42.94 1.07
C CYS A 82 -24.18 -41.71 0.67
N LEU A 83 -22.93 -41.63 1.15
CA LEU A 83 -22.03 -40.56 0.76
C LEU A 83 -21.50 -40.94 -0.63
N PRO A 84 -21.25 -39.97 -1.56
CA PRO A 84 -20.75 -40.34 -2.90
C PRO A 84 -19.44 -41.15 -2.91
N LYS A 85 -19.15 -41.75 -4.07
CA LYS A 85 -17.99 -42.59 -4.40
C LYS A 85 -16.67 -41.93 -3.99
N ASN A 86 -16.51 -40.63 -4.33
CA ASN A 86 -15.28 -39.90 -4.04
C ASN A 86 -15.47 -38.69 -3.11
N PHE A 87 -16.27 -38.89 -2.05
CA PHE A 87 -16.52 -37.91 -0.99
C PHE A 87 -15.19 -37.65 -0.28
N SER A 88 -14.77 -36.37 -0.24
CA SER A 88 -13.52 -35.94 0.38
C SER A 88 -13.65 -34.61 1.14
N ILE A 89 -13.43 -34.63 2.47
CA ILE A 89 -13.50 -33.45 3.33
C ILE A 89 -12.39 -32.49 3.01
N LYS A 90 -11.18 -33.04 2.77
CA LYS A 90 -10.00 -32.29 2.36
C LYS A 90 -10.37 -31.42 1.14
N GLU A 91 -10.93 -32.04 0.07
CA GLU A 91 -11.38 -31.34 -1.15
C GLU A 91 -12.45 -30.28 -0.84
N ILE A 92 -13.53 -30.63 -0.09
CA ILE A 92 -14.62 -29.69 0.26
C ILE A 92 -14.08 -28.46 1.01
N PHE A 93 -13.34 -28.70 2.09
CA PHE A 93 -12.74 -27.62 2.88
C PHE A 93 -11.71 -26.81 2.11
N ASP A 94 -10.87 -27.47 1.26
CA ASP A 94 -9.88 -26.76 0.44
C ASP A 94 -10.50 -25.66 -0.39
N LYS A 95 -11.56 -25.98 -1.19
CA LYS A 95 -12.25 -24.98 -2.04
C LYS A 95 -13.14 -24.01 -1.28
N ALA A 96 -13.68 -24.43 -0.10
CA ALA A 96 -14.47 -23.54 0.77
C ALA A 96 -13.57 -22.40 1.29
N ILE A 97 -12.35 -22.76 1.80
CA ILE A 97 -11.35 -21.79 2.31
C ILE A 97 -10.87 -20.88 1.17
N SER A 98 -10.61 -21.49 0.00
CA SER A 98 -10.13 -20.86 -1.23
C SER A 98 -11.12 -19.83 -1.78
N ALA A 99 -12.44 -20.15 -1.79
CA ALA A 99 -13.50 -19.27 -2.31
C ALA A 99 -13.73 -18.00 -1.48
N ARG A 100 -13.44 -18.10 -0.17
CA ARG A 100 -13.64 -17.04 0.81
C ARG A 100 -12.77 -15.76 0.60
N LYS A 101 -13.42 -14.63 0.32
CA LYS A 101 -12.76 -13.34 0.12
C LYS A 101 -13.15 -12.34 1.20
N ILE A 102 -12.44 -11.20 1.27
CA ILE A 102 -12.72 -10.12 2.21
C ILE A 102 -14.04 -9.48 1.82
N ASN A 103 -14.90 -9.24 2.81
CA ASN A 103 -16.13 -8.52 2.61
C ASN A 103 -15.74 -7.04 2.69
N ARG A 104 -15.40 -6.48 1.52
CA ARG A 104 -14.92 -5.12 1.32
C ARG A 104 -15.74 -4.03 1.98
N PRO A 105 -17.09 -3.92 1.77
CA PRO A 105 -17.89 -2.92 2.52
C PRO A 105 -17.80 -2.98 4.05
N MET A 106 -17.68 -4.19 4.63
CA MET A 106 -17.56 -4.42 6.06
C MET A 106 -16.22 -3.91 6.59
N LEU A 107 -15.09 -4.18 5.88
CA LEU A 107 -13.76 -3.70 6.26
C LEU A 107 -13.73 -2.19 6.18
N GLN A 108 -14.31 -1.61 5.11
CA GLN A 108 -14.40 -0.16 4.92
C GLN A 108 -15.09 0.50 6.11
N ALA A 109 -16.20 -0.10 6.61
CA ALA A 109 -16.94 0.43 7.76
C ALA A 109 -16.10 0.27 9.03
N ALA A 110 -15.38 -0.90 9.16
CA ALA A 110 -14.47 -1.15 10.29
C ALA A 110 -13.40 -0.08 10.29
N LEU A 111 -12.85 0.26 9.10
CA LEU A 111 -11.85 1.31 8.92
C LEU A 111 -12.39 2.70 9.24
N MET A 112 -13.62 3.00 8.81
CA MET A 112 -14.27 4.28 9.13
C MET A 112 -14.39 4.46 10.65
N LEU A 113 -14.82 3.40 11.36
CA LEU A 113 -14.97 3.37 12.82
C LEU A 113 -13.65 3.66 13.54
N ARG A 114 -12.56 2.97 13.13
CA ARG A 114 -11.22 3.15 13.69
C ARG A 114 -10.67 4.57 13.51
N LYS A 115 -10.88 5.15 12.31
CA LYS A 115 -10.48 6.50 11.92
C LYS A 115 -11.24 7.51 12.78
N LYS A 116 -12.46 7.14 13.23
CA LYS A 116 -13.31 7.99 14.07
C LYS A 116 -13.21 7.73 15.59
N GLY A 117 -12.10 7.11 16.03
CA GLY A 117 -11.81 6.90 17.44
C GLY A 117 -12.05 5.53 18.05
N PHE A 118 -12.81 4.65 17.35
CA PHE A 118 -13.14 3.32 17.83
C PHE A 118 -11.95 2.40 17.91
N THR A 119 -11.95 1.52 18.92
CA THR A 119 -10.98 0.47 19.11
C THR A 119 -11.66 -0.69 18.40
N THR A 120 -10.98 -1.28 17.41
CA THR A 120 -11.56 -2.35 16.60
C THR A 120 -10.85 -3.69 16.81
N ALA A 121 -11.60 -4.76 16.67
CA ALA A 121 -11.07 -6.09 16.90
C ALA A 121 -11.79 -7.15 16.09
N ILE A 122 -11.03 -8.19 15.75
CA ILE A 122 -11.57 -9.37 15.09
C ILE A 122 -11.59 -10.45 16.17
N LEU A 123 -12.76 -11.06 16.41
CA LEU A 123 -12.88 -12.19 17.32
C LEU A 123 -13.39 -13.38 16.47
N THR A 124 -12.61 -14.45 16.40
CA THR A 124 -12.94 -15.59 15.55
C THR A 124 -12.67 -16.96 16.13
N ASN A 125 -13.53 -17.91 15.73
CA ASN A 125 -13.42 -19.33 16.02
C ASN A 125 -12.72 -19.87 14.80
N THR A 126 -11.41 -20.14 14.95
CA THR A 126 -10.55 -20.59 13.87
C THR A 126 -9.63 -21.74 14.30
N TRP A 127 -8.91 -22.32 13.34
CA TRP A 127 -8.06 -23.48 13.52
C TRP A 127 -6.58 -23.20 13.20
N LEU A 128 -5.71 -24.19 13.54
CA LEU A 128 -4.29 -24.16 13.20
C LEU A 128 -4.22 -24.86 11.85
N ASP A 129 -4.07 -24.08 10.76
CA ASP A 129 -4.02 -24.59 9.39
C ASP A 129 -2.64 -25.08 8.96
N ASP A 130 -2.52 -26.42 8.79
CA ASP A 130 -1.28 -27.06 8.37
C ASP A 130 -1.44 -27.82 7.04
N ARG A 131 -2.46 -27.44 6.25
CA ARG A 131 -2.73 -27.99 4.91
C ARG A 131 -1.62 -27.44 4.04
N ALA A 132 -1.29 -28.14 2.94
CA ALA A 132 -0.26 -27.69 2.00
C ALA A 132 -0.66 -26.35 1.36
N GLU A 133 -1.98 -26.06 1.33
CA GLU A 133 -2.57 -24.84 0.77
C GLU A 133 -2.76 -23.68 1.77
N ARG A 134 -2.33 -23.85 3.06
CA ARG A 134 -2.45 -22.85 4.16
C ARG A 134 -2.12 -21.38 3.85
N ASP A 135 -1.24 -21.12 2.86
CA ASP A 135 -0.81 -19.76 2.48
C ASP A 135 -1.92 -18.83 2.05
N GLY A 136 -2.91 -19.36 1.31
CA GLY A 136 -4.06 -18.57 0.86
C GLY A 136 -4.79 -17.89 2.02
N LEU A 137 -5.03 -18.66 3.10
CA LEU A 137 -5.64 -18.17 4.33
C LEU A 137 -4.68 -17.22 5.07
N ALA A 138 -3.37 -17.58 5.17
CA ALA A 138 -2.34 -16.76 5.82
C ALA A 138 -2.29 -15.39 5.18
N GLN A 139 -2.41 -15.33 3.84
CA GLN A 139 -2.44 -14.07 3.06
C GLN A 139 -3.72 -13.30 3.38
N LEU A 140 -4.86 -14.00 3.47
CA LEU A 140 -6.16 -13.39 3.81
C LEU A 140 -6.11 -12.75 5.20
N MET A 141 -5.56 -13.48 6.22
CA MET A 141 -5.45 -12.97 7.59
C MET A 141 -4.55 -11.74 7.72
N CYS A 142 -3.41 -11.73 6.99
CA CYS A 142 -2.44 -10.64 6.95
C CYS A 142 -3.04 -9.33 6.47
N GLU A 143 -3.86 -9.41 5.42
CA GLU A 143 -4.50 -8.23 4.84
C GLU A 143 -5.53 -7.65 5.77
N LEU A 144 -6.35 -8.51 6.39
CA LEU A 144 -7.38 -8.07 7.33
C LEU A 144 -6.81 -7.52 8.65
N LYS A 145 -5.93 -8.32 9.33
CA LYS A 145 -5.38 -8.00 10.64
C LYS A 145 -4.74 -6.64 10.81
N MET A 146 -4.03 -6.13 9.77
CA MET A 146 -3.34 -4.82 9.77
C MET A 146 -4.26 -3.61 10.03
N HIS A 147 -5.55 -3.76 9.72
CA HIS A 147 -6.56 -2.70 9.86
C HIS A 147 -7.26 -2.68 11.22
N PHE A 148 -6.92 -3.62 12.12
CA PHE A 148 -7.58 -3.77 13.44
C PHE A 148 -6.59 -3.63 14.59
N ASP A 149 -7.08 -3.17 15.77
CA ASP A 149 -6.23 -3.02 16.97
C ASP A 149 -5.91 -4.38 17.58
N PHE A 150 -6.87 -5.34 17.47
CA PHE A 150 -6.72 -6.69 18.01
C PHE A 150 -7.24 -7.76 17.07
N LEU A 151 -6.64 -8.95 17.19
CA LEU A 151 -7.03 -10.17 16.50
C LEU A 151 -7.00 -11.26 17.55
N ILE A 152 -8.19 -11.78 17.89
CA ILE A 152 -8.34 -12.85 18.86
C ILE A 152 -8.84 -14.08 18.11
N GLU A 153 -8.04 -15.15 18.17
CA GLU A 153 -8.28 -16.42 17.53
C GLU A 153 -8.45 -17.47 18.63
N SER A 154 -9.56 -18.22 18.56
CA SER A 154 -9.96 -19.27 19.49
C SER A 154 -8.86 -20.31 19.68
N CYS A 155 -8.17 -20.70 18.57
CA CYS A 155 -7.13 -21.75 18.60
C CYS A 155 -5.86 -21.33 19.28
N GLN A 156 -5.70 -20.01 19.45
CA GLN A 156 -4.58 -19.38 20.13
C GLN A 156 -4.86 -19.10 21.62
N VAL A 157 -6.12 -18.85 22.01
CA VAL A 157 -6.51 -18.57 23.41
C VAL A 157 -7.04 -19.80 24.17
N GLY A 158 -7.26 -20.93 23.47
CA GLY A 158 -7.77 -22.17 24.05
C GLY A 158 -9.21 -22.11 24.54
N MET A 159 -9.95 -21.09 24.07
CA MET A 159 -11.36 -20.82 24.41
C MET A 159 -12.14 -20.66 23.11
N VAL A 160 -13.49 -20.90 23.13
CA VAL A 160 -14.35 -20.79 21.93
C VAL A 160 -15.65 -20.04 22.19
N LYS A 161 -16.26 -19.54 21.09
CA LYS A 161 -17.62 -18.96 21.15
C LYS A 161 -18.49 -20.21 21.00
N PRO A 162 -19.56 -20.41 21.81
CA PRO A 162 -20.20 -19.46 22.75
C PRO A 162 -19.85 -19.56 24.24
N GLU A 163 -18.65 -20.04 24.62
CA GLU A 163 -18.24 -20.11 26.04
C GLU A 163 -18.04 -18.70 26.60
N PRO A 164 -18.69 -18.34 27.74
CA PRO A 164 -18.61 -16.94 28.22
C PRO A 164 -17.23 -16.41 28.61
N GLN A 165 -16.22 -17.29 28.71
CA GLN A 165 -14.84 -16.93 29.06
C GLN A 165 -14.14 -16.08 27.98
N ILE A 166 -14.38 -16.40 26.69
CA ILE A 166 -13.82 -15.70 25.54
C ILE A 166 -14.36 -14.27 25.48
N TYR A 167 -15.63 -14.06 25.91
CA TYR A 167 -16.30 -12.75 25.97
C TYR A 167 -15.75 -11.91 27.07
N LYS A 168 -15.38 -12.53 28.19
CA LYS A 168 -14.74 -11.88 29.33
C LYS A 168 -13.29 -11.58 28.93
N PHE A 169 -12.64 -12.46 28.13
CA PHE A 169 -11.29 -12.25 27.62
C PHE A 169 -11.29 -11.06 26.66
N LEU A 170 -12.32 -10.96 25.79
CA LEU A 170 -12.49 -9.87 24.81
C LEU A 170 -12.62 -8.51 25.51
N LEU A 171 -13.46 -8.42 26.57
CA LEU A 171 -13.64 -7.18 27.33
C LEU A 171 -12.35 -6.71 28.00
N ASP A 172 -11.54 -7.67 28.50
CA ASP A 172 -10.26 -7.38 29.11
C ASP A 172 -9.26 -6.82 28.10
N THR A 173 -9.11 -7.46 26.90
CA THR A 173 -8.19 -6.94 25.89
C THR A 173 -8.64 -5.57 25.36
N LEU A 174 -9.97 -5.36 25.28
CA LEU A 174 -10.53 -4.09 24.81
C LEU A 174 -10.41 -2.97 25.81
N LYS A 175 -10.31 -3.33 27.13
CA LYS A 175 -10.26 -2.41 28.29
C LYS A 175 -11.57 -1.60 28.33
N ALA A 176 -12.66 -2.27 27.94
CA ALA A 176 -13.98 -1.68 27.86
C ALA A 176 -15.00 -2.51 28.64
N SER A 177 -16.05 -1.83 29.14
CA SER A 177 -17.18 -2.48 29.82
C SER A 177 -18.22 -2.85 28.72
N PRO A 178 -19.08 -3.88 28.90
CA PRO A 178 -19.99 -4.28 27.80
C PRO A 178 -20.77 -3.20 27.05
N SER A 179 -21.37 -2.22 27.77
CA SER A 179 -22.18 -1.14 27.15
C SER A 179 -21.40 -0.24 26.16
N GLU A 180 -20.07 -0.36 26.17
CA GLU A 180 -19.15 0.38 25.30
C GLU A 180 -18.85 -0.42 24.01
N VAL A 181 -19.32 -1.68 23.89
CA VAL A 181 -18.96 -2.53 22.75
C VAL A 181 -20.10 -2.92 21.79
N VAL A 182 -19.84 -2.84 20.45
CA VAL A 182 -20.72 -3.30 19.39
C VAL A 182 -20.10 -4.62 18.94
N PHE A 183 -20.91 -5.66 18.78
CA PHE A 183 -20.43 -6.97 18.40
C PHE A 183 -21.22 -7.50 17.17
N LEU A 184 -20.51 -7.72 16.04
CA LEU A 184 -21.14 -8.19 14.80
C LEU A 184 -20.83 -9.66 14.54
N ASP A 185 -21.86 -10.52 14.53
CA ASP A 185 -21.71 -11.96 14.30
C ASP A 185 -22.84 -12.53 13.40
N ASP A 186 -22.52 -13.52 12.55
CA ASP A 186 -23.54 -14.13 11.69
C ASP A 186 -24.29 -15.25 12.39
N ILE A 187 -23.74 -15.75 13.51
CA ILE A 187 -24.32 -16.82 14.31
C ILE A 187 -24.98 -16.27 15.58
N GLY A 188 -26.29 -16.47 15.67
CA GLY A 188 -27.12 -16.00 16.77
C GLY A 188 -26.70 -16.51 18.12
N ALA A 189 -26.31 -17.81 18.17
CA ALA A 189 -25.86 -18.51 19.37
C ALA A 189 -24.57 -17.90 19.95
N ASN A 190 -23.67 -17.43 19.08
CA ASN A 190 -22.39 -16.80 19.45
C ASN A 190 -22.58 -15.32 19.81
N LEU A 191 -23.76 -14.79 19.48
CA LEU A 191 -24.16 -13.41 19.73
C LEU A 191 -24.81 -13.29 21.12
N LYS A 192 -25.63 -14.28 21.49
CA LYS A 192 -26.34 -14.37 22.78
C LYS A 192 -25.44 -14.09 24.02
N PRO A 193 -24.20 -14.62 24.16
CA PRO A 193 -23.43 -14.30 25.38
C PRO A 193 -22.94 -12.85 25.46
N ALA A 194 -22.71 -12.21 24.29
CA ALA A 194 -22.31 -10.79 24.22
C ALA A 194 -23.50 -9.94 24.68
N ARG A 195 -24.74 -10.29 24.19
CA ARG A 195 -26.03 -9.65 24.54
C ARG A 195 -26.24 -9.77 26.04
N ASP A 196 -26.12 -11.00 26.59
CA ASP A 196 -26.28 -11.29 28.02
C ASP A 196 -25.41 -10.40 28.92
N LEU A 197 -24.15 -10.17 28.53
CA LEU A 197 -23.21 -9.30 29.24
C LEU A 197 -23.62 -7.80 29.16
N GLY A 198 -24.41 -7.45 28.14
CA GLY A 198 -24.91 -6.09 27.92
C GLY A 198 -24.31 -5.35 26.73
N MET A 199 -23.70 -6.09 25.78
CA MET A 199 -23.12 -5.51 24.56
C MET A 199 -24.21 -5.26 23.52
N VAL A 200 -23.96 -4.27 22.62
CA VAL A 200 -24.80 -3.98 21.44
C VAL A 200 -24.39 -5.09 20.48
N THR A 201 -25.34 -5.80 19.94
CA THR A 201 -25.06 -6.93 19.05
C THR A 201 -25.80 -6.71 17.76
N ILE A 202 -25.18 -7.16 16.64
CA ILE A 202 -25.74 -7.07 15.29
C ILE A 202 -25.69 -8.44 14.65
N LEU A 203 -26.87 -8.99 14.30
CA LEU A 203 -26.95 -10.29 13.63
C LEU A 203 -26.77 -10.04 12.16
N VAL A 204 -25.57 -10.38 11.67
CA VAL A 204 -25.17 -10.16 10.29
C VAL A 204 -25.77 -11.23 9.40
N GLN A 205 -26.52 -10.80 8.38
CA GLN A 205 -27.07 -11.64 7.32
C GLN A 205 -26.53 -10.96 6.06
N ASP A 206 -27.28 -9.99 5.53
CA ASP A 206 -26.77 -9.18 4.42
C ASP A 206 -26.04 -8.02 5.09
N THR A 207 -24.91 -7.62 4.48
CA THR A 207 -24.00 -6.57 4.94
C THR A 207 -24.68 -5.21 5.02
N ASP A 208 -25.49 -4.87 4.01
CA ASP A 208 -26.22 -3.60 3.95
C ASP A 208 -27.10 -3.36 5.19
N THR A 209 -27.96 -4.34 5.54
CA THR A 209 -28.84 -4.24 6.73
C THR A 209 -28.03 -4.09 8.01
N ALA A 210 -26.96 -4.89 8.16
CA ALA A 210 -26.06 -4.87 9.32
C ALA A 210 -25.32 -3.53 9.48
N LEU A 211 -24.89 -2.91 8.37
CA LEU A 211 -24.23 -1.60 8.31
C LEU A 211 -25.20 -0.47 8.64
N LYS A 212 -26.49 -0.62 8.23
CA LYS A 212 -27.56 0.35 8.55
C LYS A 212 -27.76 0.37 10.06
N GLU A 213 -27.72 -0.83 10.69
CA GLU A 213 -27.88 -1.04 12.14
C GLU A 213 -26.68 -0.46 12.86
N LEU A 214 -25.47 -0.72 12.33
CA LEU A 214 -24.20 -0.24 12.87
C LEU A 214 -24.09 1.29 12.74
N GLU A 215 -24.58 1.86 11.62
CA GLU A 215 -24.49 3.31 11.47
C GLU A 215 -25.46 4.04 12.39
N LYS A 216 -26.65 3.48 12.56
CA LYS A 216 -27.66 4.05 13.45
C LYS A 216 -27.18 4.08 14.90
N VAL A 217 -26.56 3.00 15.39
CA VAL A 217 -26.12 2.84 16.77
C VAL A 217 -24.84 3.61 17.16
N THR A 218 -23.92 3.81 16.20
CA THR A 218 -22.65 4.50 16.43
C THR A 218 -22.83 6.00 16.16
N GLY A 219 -23.82 6.33 15.34
CA GLY A 219 -24.10 7.70 14.91
C GLY A 219 -23.13 8.15 13.83
N ILE A 220 -22.25 7.23 13.35
CA ILE A 220 -21.26 7.45 12.31
C ILE A 220 -21.75 6.92 10.97
N GLN A 221 -21.65 7.73 9.91
CA GLN A 221 -22.01 7.38 8.53
C GLN A 221 -21.00 6.37 7.99
N LEU A 222 -21.50 5.19 7.66
CA LEU A 222 -20.72 4.07 7.14
C LEU A 222 -21.22 3.72 5.74
N LEU A 223 -22.52 3.92 5.50
CA LEU A 223 -23.14 3.67 4.20
C LEU A 223 -23.16 4.97 3.39
N ASN A 224 -22.95 4.86 2.06
CA ASN A 224 -22.96 5.97 1.08
C ASN A 224 -21.85 6.99 1.31
N THR A 225 -20.73 6.54 1.84
CA THR A 225 -19.57 7.39 2.13
C THR A 225 -18.79 7.75 0.86
N PRO A 226 -18.03 8.87 0.84
CA PRO A 226 -17.18 9.13 -0.33
C PRO A 226 -16.10 8.04 -0.45
N ALA A 227 -15.61 7.81 -1.67
CA ALA A 227 -14.55 6.83 -1.91
C ALA A 227 -13.32 7.10 -0.99
N PRO A 228 -12.88 6.11 -0.19
CA PRO A 228 -11.74 6.37 0.72
C PRO A 228 -10.39 6.40 -0.02
N LEU A 229 -9.39 7.04 0.60
CA LEU A 229 -8.04 7.10 0.01
C LEU A 229 -7.41 5.71 0.20
N PRO A 230 -6.40 5.30 -0.61
CA PRO A 230 -5.78 3.99 -0.36
C PRO A 230 -5.11 3.98 1.02
N THR A 231 -4.81 2.79 1.56
CA THR A 231 -4.08 2.63 2.82
C THR A 231 -2.72 3.40 2.72
N SER A 232 -2.36 4.13 3.78
CA SER A 232 -1.08 4.86 3.82
C SER A 232 -0.05 4.10 4.70
N CYS A 233 1.11 4.70 5.01
CA CYS A 233 2.17 4.08 5.80
C CYS A 233 2.39 4.83 7.09
N ASN A 234 2.59 4.09 8.20
CA ASN A 234 3.02 4.69 9.47
C ASN A 234 4.54 4.39 9.55
N PRO A 235 5.39 5.42 9.41
CA PRO A 235 6.87 5.20 9.40
C PRO A 235 7.51 4.19 10.38
N SER A 236 7.01 4.14 11.61
CA SER A 236 7.52 3.27 12.70
C SER A 236 7.00 1.83 12.62
N ASP A 237 6.07 1.56 11.68
CA ASP A 237 5.51 0.22 11.43
C ASP A 237 6.17 -0.44 10.20
N MET A 238 7.09 0.29 9.53
CA MET A 238 7.79 -0.22 8.35
C MET A 238 9.08 -0.91 8.73
N SER A 239 9.59 -1.74 7.81
CA SER A 239 10.90 -2.34 7.89
C SER A 239 11.81 -1.33 7.24
N HIS A 240 12.88 -0.91 7.93
CA HIS A 240 13.85 0.04 7.41
C HIS A 240 15.15 -0.65 7.05
N GLY A 241 15.52 -0.55 5.77
CA GLY A 241 16.75 -1.13 5.25
C GLY A 241 17.84 -0.10 5.02
N TYR A 242 19.13 -0.53 5.11
CA TYR A 242 20.28 0.37 4.97
C TYR A 242 21.43 -0.35 4.27
N VAL A 243 21.88 0.19 3.10
CA VAL A 243 22.98 -0.35 2.29
C VAL A 243 24.11 0.71 2.12
N THR A 244 25.37 0.31 2.37
CA THR A 244 26.55 1.14 2.12
C THR A 244 26.99 0.83 0.70
N VAL A 245 26.82 1.81 -0.21
CA VAL A 245 27.13 1.68 -1.63
C VAL A 245 28.59 2.00 -1.95
N LYS A 246 29.23 2.80 -1.08
CA LYS A 246 30.64 3.22 -1.13
C LYS A 246 31.01 3.82 0.23
N PRO A 247 32.32 3.97 0.59
CA PRO A 247 32.64 4.56 1.91
C PRO A 247 31.97 5.90 2.10
N ARG A 248 31.33 6.10 3.26
CA ARG A 248 30.57 7.31 3.64
C ARG A 248 29.26 7.61 2.83
N VAL A 249 28.88 6.74 1.87
CA VAL A 249 27.59 6.88 1.16
C VAL A 249 26.73 5.65 1.47
N ARG A 250 25.65 5.89 2.23
CA ARG A 250 24.69 4.89 2.64
C ARG A 250 23.32 5.22 2.06
N LEU A 251 22.60 4.19 1.57
CA LEU A 251 21.27 4.36 1.02
C LEU A 251 20.22 3.72 1.93
N HIS A 252 19.21 4.52 2.32
CA HIS A 252 18.08 4.11 3.13
C HIS A 252 16.85 3.80 2.26
N PHE A 253 16.11 2.73 2.65
CA PHE A 253 14.88 2.31 1.97
C PHE A 253 13.87 1.70 2.93
N VAL A 254 12.61 1.76 2.54
CA VAL A 254 11.52 1.13 3.25
C VAL A 254 11.16 -0.12 2.42
N GLU A 255 10.91 -1.25 3.08
CA GLU A 255 10.62 -2.48 2.35
C GLU A 255 9.35 -3.16 2.83
N LEU A 256 8.52 -3.58 1.88
CA LEU A 256 7.27 -4.27 2.16
C LEU A 256 6.90 -5.19 1.02
N GLY A 257 6.43 -6.39 1.36
CA GLY A 257 5.94 -7.35 0.39
C GLY A 257 6.95 -8.37 -0.10
N SER A 258 6.44 -9.35 -0.85
CA SER A 258 7.18 -10.44 -1.48
C SER A 258 6.83 -10.52 -2.97
N GLY A 259 7.79 -10.97 -3.78
CA GLY A 259 7.61 -11.10 -5.22
C GLY A 259 8.63 -10.29 -5.99
N PRO A 260 8.36 -9.96 -7.29
CA PRO A 260 9.33 -9.16 -8.05
C PRO A 260 9.64 -7.84 -7.34
N ALA A 261 10.93 -7.46 -7.33
CA ALA A 261 11.47 -6.25 -6.70
C ALA A 261 11.07 -5.00 -7.50
N VAL A 262 10.45 -4.04 -6.78
CA VAL A 262 9.95 -2.76 -7.33
C VAL A 262 10.62 -1.63 -6.59
N CYS A 263 11.58 -1.00 -7.27
CA CYS A 263 12.33 0.10 -6.72
C CYS A 263 11.65 1.44 -7.08
N LEU A 264 11.23 2.19 -6.04
CA LEU A 264 10.50 3.47 -6.15
C LEU A 264 11.42 4.62 -5.86
N CYS A 265 11.57 5.51 -6.84
CA CYS A 265 12.50 6.64 -6.82
C CYS A 265 11.79 8.00 -6.86
N HIS A 266 11.80 8.68 -5.71
CA HIS A 266 11.14 9.97 -5.50
C HIS A 266 11.83 11.13 -6.18
N GLY A 267 11.12 12.27 -6.22
CA GLY A 267 11.64 13.49 -6.82
C GLY A 267 12.07 14.55 -5.83
N PHE A 268 12.22 15.79 -6.34
CA PHE A 268 12.64 16.95 -5.58
C PHE A 268 11.45 17.78 -5.11
N PRO A 269 11.39 18.17 -3.83
CA PRO A 269 12.28 17.84 -2.68
C PRO A 269 11.48 16.87 -1.79
N GLU A 270 11.59 15.59 -2.09
CA GLU A 270 10.74 14.60 -1.43
C GLU A 270 11.41 13.61 -0.47
N SER A 271 10.86 12.40 -0.36
CA SER A 271 11.19 11.36 0.60
C SER A 271 10.63 10.02 0.09
N TRP A 272 11.06 8.87 0.68
CA TRP A 272 10.44 7.56 0.43
C TRP A 272 8.93 7.69 0.72
N TYR A 273 8.57 8.54 1.72
CA TYR A 273 7.22 8.80 2.22
C TYR A 273 6.25 9.38 1.18
N SER A 274 6.76 9.88 0.05
CA SER A 274 5.94 10.36 -1.06
C SER A 274 5.20 9.20 -1.72
N TRP A 275 5.70 7.93 -1.54
CA TRP A 275 5.13 6.70 -2.07
C TRP A 275 4.20 6.03 -1.06
N ARG A 276 3.87 6.73 0.04
CA ARG A 276 3.01 6.20 1.12
C ARG A 276 1.74 5.49 0.70
N TYR A 277 1.01 6.01 -0.31
CA TYR A 277 -0.23 5.39 -0.76
C TYR A 277 0.01 4.26 -1.79
N GLN A 278 1.27 4.08 -2.29
CA GLN A 278 1.59 3.06 -3.29
C GLN A 278 2.18 1.85 -2.63
N ILE A 279 3.03 2.04 -1.59
CA ILE A 279 3.72 0.97 -0.87
C ILE A 279 2.78 -0.16 -0.43
N PRO A 280 1.69 0.09 0.36
CA PRO A 280 0.81 -1.02 0.73
C PRO A 280 0.06 -1.67 -0.44
N ALA A 281 -0.44 -0.85 -1.41
CA ALA A 281 -1.18 -1.30 -2.61
C ALA A 281 -0.35 -2.20 -3.49
N LEU A 282 0.86 -1.78 -3.85
CA LEU A 282 1.81 -2.56 -4.66
C LEU A 282 2.27 -3.85 -3.96
N ALA A 283 2.44 -3.83 -2.61
CA ALA A 283 2.83 -5.03 -1.86
C ALA A 283 1.68 -6.01 -1.84
N GLN A 284 0.44 -5.48 -1.69
CA GLN A 284 -0.79 -6.27 -1.70
C GLN A 284 -1.00 -6.90 -3.07
N ALA A 285 -0.53 -6.21 -4.12
CA ALA A 285 -0.59 -6.69 -5.52
C ALA A 285 0.43 -7.81 -5.85
N GLY A 286 1.31 -8.17 -4.90
CA GLY A 286 2.29 -9.25 -5.05
C GLY A 286 3.67 -8.83 -5.50
N TYR A 287 4.14 -7.67 -5.01
CA TYR A 287 5.46 -7.13 -5.29
C TYR A 287 6.23 -6.80 -4.01
N ARG A 288 7.56 -6.86 -4.10
CA ARG A 288 8.47 -6.55 -3.01
C ARG A 288 8.87 -5.11 -3.27
N VAL A 289 8.30 -4.18 -2.52
CA VAL A 289 8.53 -2.76 -2.71
C VAL A 289 9.75 -2.32 -1.92
N LEU A 290 10.63 -1.59 -2.59
CA LEU A 290 11.82 -1.01 -2.00
C LEU A 290 11.70 0.49 -2.30
N ALA A 291 11.16 1.25 -1.34
CA ALA A 291 10.96 2.68 -1.53
C ALA A 291 12.13 3.47 -0.98
N MET A 292 12.92 4.02 -1.88
CA MET A 292 14.13 4.78 -1.59
C MET A 292 13.96 6.14 -0.97
N ASP A 293 14.98 6.51 -0.17
CA ASP A 293 15.33 7.85 0.23
C ASP A 293 16.52 8.00 -0.73
N MET A 294 16.34 8.80 -1.79
CA MET A 294 17.36 9.01 -2.79
C MET A 294 18.61 9.68 -2.17
N LYS A 295 19.77 9.62 -2.83
CA LYS A 295 20.97 10.28 -2.33
C LYS A 295 20.67 11.78 -2.10
N GLY A 296 21.02 12.25 -0.89
CA GLY A 296 20.87 13.63 -0.43
C GLY A 296 19.69 13.82 0.49
N TYR A 297 18.87 12.75 0.63
CA TYR A 297 17.60 12.78 1.32
C TYR A 297 17.43 11.86 2.52
N GLY A 298 16.57 12.31 3.45
CA GLY A 298 16.18 11.61 4.66
C GLY A 298 17.31 10.93 5.38
N GLU A 299 17.18 9.61 5.57
CA GLU A 299 18.17 8.79 6.26
C GLU A 299 19.31 8.27 5.37
N SER A 300 19.31 8.64 4.07
CA SER A 300 20.40 8.34 3.12
C SER A 300 21.45 9.43 3.26
N SER A 301 22.67 9.15 2.81
CA SER A 301 23.81 10.05 2.91
C SER A 301 23.70 11.24 1.98
N ALA A 302 24.12 12.40 2.48
CA ALA A 302 24.08 13.64 1.72
C ALA A 302 25.46 14.27 1.65
N PRO A 303 26.42 13.68 0.86
CA PRO A 303 27.75 14.32 0.71
C PRO A 303 27.58 15.75 0.17
N PRO A 304 28.48 16.71 0.49
CA PRO A 304 28.26 18.09 0.03
C PRO A 304 28.64 18.43 -1.40
N GLU A 305 29.54 17.65 -2.03
CA GLU A 305 30.06 17.93 -3.39
C GLU A 305 29.03 17.73 -4.47
N ILE A 306 28.99 18.66 -5.42
CA ILE A 306 28.03 18.70 -6.55
C ILE A 306 28.05 17.43 -7.43
N GLU A 307 29.26 16.99 -7.85
CA GLU A 307 29.55 15.86 -8.74
C GLU A 307 29.01 14.53 -8.21
N GLU A 308 28.85 14.45 -6.89
CA GLU A 308 28.31 13.30 -6.18
C GLU A 308 26.84 13.04 -6.56
N TYR A 309 26.21 14.04 -7.21
CA TYR A 309 24.80 14.00 -7.61
C TYR A 309 24.58 14.01 -9.08
N CYS A 310 25.66 13.75 -9.86
CA CYS A 310 25.52 13.66 -11.30
C CYS A 310 24.88 12.31 -11.61
N MET A 311 24.13 12.24 -12.71
CA MET A 311 23.38 11.05 -13.10
C MET A 311 24.22 9.79 -13.21
N GLU A 312 25.46 9.86 -13.78
CA GLU A 312 26.41 8.72 -13.88
C GLU A 312 26.69 8.09 -12.51
N VAL A 313 26.96 8.94 -11.48
CA VAL A 313 27.26 8.53 -10.10
C VAL A 313 26.04 7.94 -9.41
N LEU A 314 24.89 8.60 -9.53
CA LEU A 314 23.65 8.12 -8.91
C LEU A 314 23.22 6.76 -9.47
N CYS A 315 23.35 6.58 -10.79
CA CYS A 315 22.99 5.35 -11.47
C CYS A 315 23.88 4.20 -11.06
N LYS A 316 25.22 4.40 -11.10
CA LYS A 316 26.25 3.47 -10.65
C LYS A 316 25.97 3.01 -9.20
N GLU A 317 25.57 3.94 -8.34
CA GLU A 317 25.22 3.65 -6.94
C GLU A 317 23.96 2.79 -6.80
N MET A 318 22.96 2.95 -7.71
CA MET A 318 21.71 2.15 -7.66
C MET A 318 21.99 0.72 -8.09
N VAL A 319 22.93 0.55 -9.03
CA VAL A 319 23.46 -0.73 -9.51
C VAL A 319 24.15 -1.45 -8.31
N THR A 320 24.99 -0.73 -7.57
CA THR A 320 25.68 -1.23 -6.37
C THR A 320 24.65 -1.62 -5.29
N PHE A 321 23.60 -0.80 -5.13
CA PHE A 321 22.49 -1.05 -4.22
C PHE A 321 21.85 -2.43 -4.54
N LEU A 322 21.57 -2.71 -5.82
CA LEU A 322 21.03 -3.99 -6.30
C LEU A 322 22.02 -5.13 -6.01
N ASP A 323 23.30 -4.95 -6.36
CA ASP A 323 24.35 -5.95 -6.13
C ASP A 323 24.42 -6.36 -4.66
N LYS A 324 24.49 -5.34 -3.76
CA LYS A 324 24.61 -5.55 -2.33
C LYS A 324 23.43 -6.26 -1.67
N LEU A 325 22.23 -6.15 -2.27
CA LEU A 325 21.03 -6.80 -1.78
C LEU A 325 20.85 -8.16 -2.42
N GLY A 326 21.74 -8.51 -3.36
CA GLY A 326 21.70 -9.75 -4.12
C GLY A 326 20.54 -9.76 -5.12
N LEU A 327 20.34 -8.63 -5.83
CA LEU A 327 19.21 -8.50 -6.78
C LEU A 327 19.71 -8.32 -8.18
N SER A 328 19.43 -9.27 -9.07
CA SER A 328 19.91 -9.19 -10.44
C SER A 328 19.15 -8.14 -11.22
N GLN A 329 17.88 -7.94 -10.87
CA GLN A 329 17.00 -6.97 -11.50
C GLN A 329 16.00 -6.35 -10.50
N ALA A 330 15.41 -5.22 -10.93
CA ALA A 330 14.34 -4.54 -10.25
C ALA A 330 13.52 -3.78 -11.26
N VAL A 331 12.24 -3.57 -10.98
CA VAL A 331 11.40 -2.70 -11.80
C VAL A 331 11.73 -1.29 -11.19
N PHE A 332 12.09 -0.33 -12.03
CA PHE A 332 12.41 1.02 -11.55
C PHE A 332 11.27 1.94 -11.88
N ILE A 333 10.60 2.48 -10.83
CA ILE A 333 9.48 3.43 -10.96
C ILE A 333 9.92 4.76 -10.39
N GLY A 334 10.01 5.77 -11.22
CA GLY A 334 10.45 7.08 -10.73
C GLY A 334 9.49 8.22 -11.00
N HIS A 335 9.52 9.25 -10.15
CA HIS A 335 8.73 10.47 -10.28
C HIS A 335 9.68 11.64 -10.22
N ASP A 336 9.46 12.67 -11.07
CA ASP A 336 10.22 13.91 -11.10
C ASP A 336 11.72 13.66 -11.39
N TRP A 337 12.65 13.93 -10.43
CA TRP A 337 14.08 13.63 -10.64
C TRP A 337 14.33 12.12 -10.65
N GLY A 338 13.48 11.38 -9.96
CA GLY A 338 13.51 9.92 -9.91
C GLY A 338 13.11 9.31 -11.23
N GLY A 339 12.18 9.98 -11.93
CA GLY A 339 11.73 9.62 -13.28
C GLY A 339 12.87 9.73 -14.27
N MET A 340 13.63 10.83 -14.16
CA MET A 340 14.83 11.08 -14.95
C MET A 340 15.87 9.98 -14.74
N LEU A 341 16.20 9.64 -13.47
CA LEU A 341 17.20 8.62 -13.13
C LEU A 341 16.84 7.28 -13.76
N VAL A 342 15.56 6.93 -13.57
CA VAL A 342 14.89 5.72 -14.04
C VAL A 342 15.05 5.58 -15.59
N TRP A 343 14.93 6.68 -16.38
CA TRP A 343 15.17 6.60 -17.84
C TRP A 343 16.63 6.30 -18.16
N TYR A 344 17.56 6.91 -17.41
CA TYR A 344 19.01 6.69 -17.54
C TYR A 344 19.41 5.26 -17.10
N MET A 345 18.71 4.65 -16.11
CA MET A 345 18.99 3.26 -15.67
C MET A 345 18.66 2.31 -16.82
N ALA A 346 17.54 2.56 -17.52
CA ALA A 346 17.09 1.80 -18.69
C ALA A 346 18.02 1.99 -19.88
N LEU A 347 18.60 3.19 -20.03
CA LEU A 347 19.52 3.54 -21.12
C LEU A 347 20.89 2.94 -20.95
N PHE A 348 21.42 2.93 -19.70
CA PHE A 348 22.79 2.51 -19.37
C PHE A 348 22.96 1.11 -18.79
N TYR A 349 21.94 0.60 -18.08
CA TYR A 349 21.98 -0.73 -17.44
C TYR A 349 20.67 -1.46 -17.73
N PRO A 350 20.28 -1.70 -19.01
CA PRO A 350 18.99 -2.39 -19.27
C PRO A 350 18.89 -3.81 -18.71
N GLU A 351 20.03 -4.49 -18.45
CA GLU A 351 20.06 -5.85 -17.93
C GLU A 351 19.70 -5.92 -16.45
N ARG A 352 19.71 -4.75 -15.78
CA ARG A 352 19.42 -4.66 -14.35
C ARG A 352 18.03 -4.11 -14.14
N VAL A 353 17.38 -3.70 -15.25
CA VAL A 353 16.07 -3.06 -15.22
C VAL A 353 15.02 -3.97 -15.85
N ARG A 354 14.14 -4.55 -15.00
CA ARG A 354 13.07 -5.46 -15.43
C ARG A 354 12.08 -4.71 -16.32
N ALA A 355 11.66 -3.54 -15.86
CA ALA A 355 10.76 -2.65 -16.58
C ALA A 355 10.99 -1.29 -15.99
N VAL A 356 10.60 -0.27 -16.72
CA VAL A 356 10.83 1.11 -16.30
C VAL A 356 9.55 1.90 -16.41
N ALA A 357 9.23 2.69 -15.37
CA ALA A 357 8.05 3.52 -15.37
C ALA A 357 8.40 4.91 -14.84
N SER A 358 7.90 5.96 -15.53
CA SER A 358 8.07 7.33 -15.09
C SER A 358 6.73 8.02 -14.87
N LEU A 359 6.65 8.80 -13.81
CA LEU A 359 5.48 9.62 -13.51
C LEU A 359 5.91 11.07 -13.78
N ASN A 360 5.24 11.73 -14.74
CA ASN A 360 5.41 13.14 -15.18
C ASN A 360 6.66 13.44 -15.99
N THR A 361 7.80 12.86 -15.64
CA THR A 361 9.08 13.11 -16.29
C THR A 361 9.18 12.45 -17.66
N PRO A 362 9.25 13.21 -18.76
CA PRO A 362 9.41 12.56 -20.07
C PRO A 362 10.86 12.15 -20.34
N PHE A 363 11.05 11.37 -21.40
CA PHE A 363 12.37 11.03 -21.83
C PHE A 363 12.61 11.89 -23.07
N ILE A 364 13.57 12.83 -22.96
CA ILE A 364 13.95 13.71 -24.08
C ILE A 364 15.45 13.52 -24.33
N PRO A 365 15.85 13.10 -25.56
CA PRO A 365 17.28 12.92 -25.83
C PRO A 365 18.03 14.24 -25.79
N ALA A 366 19.31 14.17 -25.37
CA ALA A 366 20.23 15.30 -25.31
C ALA A 366 20.45 15.87 -26.73
N ASN A 367 20.50 17.20 -26.82
CA ASN A 367 20.80 17.90 -28.07
C ASN A 367 22.34 17.98 -28.11
N PRO A 368 23.02 17.24 -29.02
CA PRO A 368 24.49 17.32 -29.04
C PRO A 368 25.04 18.65 -29.59
N ASN A 369 24.16 19.44 -30.26
CA ASN A 369 24.50 20.72 -30.87
C ASN A 369 24.18 21.92 -29.96
N MET A 370 23.87 21.66 -28.68
CA MET A 370 23.50 22.70 -27.74
C MET A 370 23.75 22.29 -26.30
N SER A 371 24.33 23.22 -25.52
CA SER A 371 24.57 23.07 -24.10
C SER A 371 23.19 23.07 -23.40
N PRO A 372 22.97 22.25 -22.35
CA PRO A 372 21.65 22.26 -21.69
C PRO A 372 21.37 23.57 -20.95
N LEU A 373 22.43 24.23 -20.43
CA LEU A 373 22.43 25.50 -19.70
C LEU A 373 21.91 26.66 -20.56
N GLU A 374 22.16 26.63 -21.89
CA GLU A 374 21.66 27.62 -22.84
C GLU A 374 20.24 27.25 -23.36
N SER A 375 19.84 25.95 -23.27
CA SER A 375 18.52 25.48 -23.68
C SER A 375 17.47 25.60 -22.56
N ILE A 376 17.93 25.70 -21.27
CA ILE A 376 17.09 25.90 -20.08
C ILE A 376 16.47 27.30 -20.19
N LYS A 377 17.29 28.27 -20.68
CA LYS A 377 16.93 29.66 -20.92
C LYS A 377 15.87 29.85 -22.04
N ALA A 378 15.77 28.88 -22.99
CA ALA A 378 14.81 28.89 -24.10
C ALA A 378 13.35 28.75 -23.66
N ASN A 379 13.10 28.13 -22.49
CA ASN A 379 11.76 27.94 -21.92
C ASN A 379 11.58 28.79 -20.65
N PRO A 380 10.56 29.69 -20.60
CA PRO A 380 10.37 30.55 -19.41
C PRO A 380 10.00 29.83 -18.11
N VAL A 381 9.38 28.62 -18.19
CA VAL A 381 8.99 27.82 -17.02
C VAL A 381 10.20 27.41 -16.18
N PHE A 382 11.35 27.16 -16.82
CA PHE A 382 12.60 26.72 -16.19
C PHE A 382 13.56 27.82 -15.69
N ASP A 383 13.00 28.96 -15.21
CA ASP A 383 13.82 30.04 -14.63
C ASP A 383 14.30 29.64 -13.24
N TYR A 384 13.43 28.94 -12.46
CA TYR A 384 13.76 28.45 -11.12
C TYR A 384 15.02 27.56 -11.17
N GLN A 385 15.28 26.89 -12.32
CA GLN A 385 16.46 26.06 -12.50
C GLN A 385 17.74 26.89 -12.43
N LEU A 386 17.70 28.10 -12.99
CA LEU A 386 18.81 29.07 -12.99
C LEU A 386 19.03 29.59 -11.55
N TYR A 387 17.94 29.73 -10.77
CA TYR A 387 17.96 30.16 -9.37
C TYR A 387 18.64 29.10 -8.49
N PHE A 388 18.41 27.82 -8.85
CA PHE A 388 18.92 26.61 -8.20
C PHE A 388 20.41 26.37 -8.47
N GLN A 389 20.99 27.12 -9.40
CA GLN A 389 22.38 26.94 -9.82
C GLN A 389 23.44 27.38 -8.85
N GLU A 390 23.39 28.63 -8.37
CA GLU A 390 24.42 29.18 -7.48
C GLU A 390 24.41 28.48 -6.12
N PRO A 391 25.50 27.79 -5.73
CA PRO A 391 25.50 27.11 -4.43
C PRO A 391 25.29 28.07 -3.26
N GLY A 392 24.23 27.82 -2.46
CA GLY A 392 23.93 28.59 -1.26
C GLY A 392 22.63 29.36 -1.24
N VAL A 393 22.30 30.02 -2.36
CA VAL A 393 21.12 30.88 -2.50
C VAL A 393 19.79 30.22 -2.14
N ALA A 394 19.38 29.20 -2.91
CA ALA A 394 18.10 28.49 -2.72
C ALA A 394 18.09 27.71 -1.41
N GLU A 395 19.25 27.17 -0.95
CA GLU A 395 19.29 26.43 0.33
C GLU A 395 18.82 27.32 1.48
N ALA A 396 19.36 28.57 1.55
CA ALA A 396 19.02 29.57 2.57
C ALA A 396 17.53 29.88 2.62
N GLU A 397 16.89 30.07 1.43
CA GLU A 397 15.45 30.31 1.32
C GLU A 397 14.59 29.09 1.70
N LEU A 398 14.95 27.91 1.19
CA LEU A 398 14.20 26.67 1.43
C LEU A 398 14.33 26.15 2.87
N GLU A 399 15.50 26.34 3.49
CA GLU A 399 15.80 25.90 4.86
C GLU A 399 15.37 26.91 5.95
N GLN A 400 15.00 28.16 5.55
CA GLN A 400 14.58 29.25 6.46
C GLN A 400 13.39 28.81 7.37
N ASN A 401 12.26 28.44 6.77
CA ASN A 401 11.10 27.94 7.49
C ASN A 401 10.67 26.68 6.74
N LEU A 402 11.04 25.50 7.30
CA LEU A 402 10.78 24.17 6.72
C LEU A 402 9.29 23.87 6.48
N SER A 403 8.43 24.19 7.48
CA SER A 403 6.97 24.02 7.41
C SER A 403 6.38 24.84 6.26
N ARG A 404 6.83 26.10 6.09
CA ARG A 404 6.36 26.99 5.03
C ARG A 404 6.74 26.43 3.66
N THR A 405 8.00 25.95 3.51
CA THR A 405 8.53 25.33 2.29
C THR A 405 7.62 24.19 1.77
N PHE A 406 7.34 23.18 2.62
CA PHE A 406 6.50 22.05 2.22
C PHE A 406 5.04 22.43 2.06
N LYS A 407 4.53 23.35 2.90
CA LYS A 407 3.15 23.87 2.80
C LYS A 407 2.94 24.67 1.52
N SER A 408 3.97 25.38 1.05
CA SER A 408 3.95 26.18 -0.18
C SER A 408 4.09 25.32 -1.42
N LEU A 409 4.94 24.28 -1.35
CA LEU A 409 5.23 23.40 -2.48
C LEU A 409 4.18 22.33 -2.72
N PHE A 410 3.79 21.62 -1.64
CA PHE A 410 2.88 20.49 -1.73
C PHE A 410 1.44 20.93 -1.85
N ARG A 411 1.05 21.38 -3.05
CA ARG A 411 -0.31 21.88 -3.29
C ARG A 411 -0.93 21.31 -4.56
N ALA A 412 -2.28 21.25 -4.62
CA ALA A 412 -3.02 20.78 -5.79
C ALA A 412 -3.11 21.88 -6.87
N SER A 413 -3.57 21.52 -8.09
CA SER A 413 -3.72 22.41 -9.27
C SER A 413 -4.45 23.75 -8.98
N ASP A 414 -5.54 23.68 -8.21
CA ASP A 414 -6.40 24.79 -7.80
C ASP A 414 -5.96 25.40 -6.44
N GLU A 415 -4.66 25.30 -6.07
CA GLU A 415 -4.19 25.79 -4.77
C GLU A 415 -2.85 26.56 -4.82
N SER A 416 -2.30 26.83 -6.02
CA SER A 416 -1.00 27.50 -6.19
C SER A 416 -0.87 28.82 -5.43
N VAL A 417 0.22 28.96 -4.67
CA VAL A 417 0.57 30.18 -3.90
C VAL A 417 1.86 30.81 -4.47
N LEU A 418 2.64 30.02 -5.24
CA LEU A 418 3.89 30.46 -5.86
C LEU A 418 3.90 30.37 -7.39
N SER A 419 4.56 31.37 -8.03
CA SER A 419 4.70 31.45 -9.49
C SER A 419 5.99 30.79 -9.93
N MET A 420 5.91 29.97 -11.00
CA MET A 420 7.05 29.25 -11.58
C MET A 420 7.99 30.15 -12.41
N HIS A 421 7.44 31.27 -12.94
CA HIS A 421 8.18 32.24 -13.75
C HIS A 421 8.68 33.44 -12.96
N LYS A 422 9.79 34.03 -13.43
CA LYS A 422 10.47 35.20 -12.87
C LYS A 422 10.80 35.10 -11.37
N VAL A 423 11.31 33.91 -10.97
CA VAL A 423 11.72 33.67 -9.57
C VAL A 423 13.05 34.38 -9.29
N CYS A 424 13.89 34.51 -10.33
CA CYS A 424 15.19 35.18 -10.26
C CYS A 424 14.99 36.69 -10.10
N GLU A 425 14.11 37.28 -10.95
CA GLU A 425 13.76 38.71 -10.95
C GLU A 425 13.18 39.14 -9.60
N ALA A 426 12.31 38.28 -9.01
CA ALA A 426 11.68 38.50 -7.70
C ALA A 426 12.68 38.28 -6.57
N GLY A 427 13.72 37.49 -6.83
CA GLY A 427 14.76 37.16 -5.86
C GLY A 427 14.35 36.08 -4.89
N GLY A 428 13.73 35.02 -5.42
CA GLY A 428 13.28 33.89 -4.62
C GLY A 428 11.98 33.26 -5.06
N LEU A 429 11.74 32.03 -4.57
CA LEU A 429 10.57 31.18 -4.81
C LEU A 429 9.37 31.53 -3.93
N PHE A 430 9.60 32.17 -2.77
CA PHE A 430 8.55 32.52 -1.80
C PHE A 430 8.30 34.02 -1.61
N VAL A 431 8.90 34.86 -2.50
CA VAL A 431 8.83 36.34 -2.48
C VAL A 431 7.42 36.94 -2.32
N ASN A 432 6.48 36.56 -3.20
CA ASN A 432 5.10 37.04 -3.09
C ASN A 432 4.20 35.88 -2.70
N SER A 433 4.64 35.15 -1.66
CA SER A 433 3.98 33.97 -1.09
C SER A 433 3.71 34.21 0.41
N PRO A 434 2.59 33.68 0.97
CA PRO A 434 2.30 33.92 2.40
C PRO A 434 3.31 33.31 3.37
N GLU A 435 3.42 33.92 4.56
CA GLU A 435 4.34 33.45 5.59
C GLU A 435 3.82 32.21 6.27
N GLU A 436 2.49 32.15 6.43
CA GLU A 436 1.78 31.01 7.00
C GLU A 436 0.80 30.48 5.96
N PRO A 437 1.29 29.63 5.02
CA PRO A 437 0.39 29.09 3.98
C PRO A 437 -0.68 28.20 4.57
N SER A 438 -1.85 28.15 3.93
CA SER A 438 -2.93 27.30 4.40
C SER A 438 -2.56 25.85 4.13
N LEU A 439 -3.15 24.91 4.89
CA LEU A 439 -2.85 23.49 4.73
C LEU A 439 -3.63 22.94 3.51
N SER A 440 -2.89 22.48 2.49
CA SER A 440 -3.45 21.87 1.27
C SER A 440 -4.36 20.66 1.58
N ARG A 441 -5.33 20.37 0.70
CA ARG A 441 -6.25 19.24 0.81
C ARG A 441 -5.56 17.87 0.72
N MET A 442 -4.40 17.80 0.02
CA MET A 442 -3.65 16.55 -0.23
C MET A 442 -2.92 16.05 0.99
N VAL A 443 -2.55 16.98 1.90
CA VAL A 443 -1.74 16.66 3.09
C VAL A 443 -2.35 17.08 4.42
N THR A 444 -2.05 16.30 5.48
CA THR A 444 -2.44 16.62 6.85
C THR A 444 -1.26 17.42 7.45
N GLU A 445 -1.42 17.96 8.68
CA GLU A 445 -0.35 18.71 9.35
C GLU A 445 0.79 17.75 9.68
N GLU A 446 0.43 16.51 10.07
CA GLU A 446 1.30 15.38 10.42
C GLU A 446 2.22 14.97 9.28
N GLU A 447 1.67 14.79 8.06
CA GLU A 447 2.41 14.44 6.84
C GLU A 447 3.47 15.53 6.51
N ILE A 448 3.09 16.85 6.57
CA ILE A 448 4.02 17.97 6.35
C ILE A 448 5.17 17.93 7.38
N GLN A 449 4.84 17.64 8.66
CA GLN A 449 5.85 17.57 9.72
C GLN A 449 6.82 16.42 9.58
N PHE A 450 6.37 15.27 8.96
CA PHE A 450 7.29 14.16 8.70
C PHE A 450 8.43 14.63 7.81
N TYR A 451 8.09 15.40 6.74
CA TYR A 451 9.01 16.03 5.77
C TYR A 451 9.89 17.04 6.47
N VAL A 452 9.32 17.85 7.36
CA VAL A 452 10.03 18.87 8.13
C VAL A 452 11.17 18.22 8.93
N GLN A 453 10.86 17.13 9.64
CA GLN A 453 11.81 16.34 10.44
C GLN A 453 12.88 15.65 9.59
N GLN A 454 12.50 15.18 8.40
CA GLN A 454 13.41 14.52 7.49
C GLN A 454 14.47 15.47 6.98
N PHE A 455 14.04 16.68 6.62
CA PHE A 455 14.90 17.72 6.04
C PHE A 455 15.79 18.45 7.04
N LYS A 456 15.58 18.19 8.34
CA LYS A 456 16.42 18.75 9.40
C LYS A 456 17.79 18.08 9.43
N LYS A 457 17.91 16.84 8.94
CA LYS A 457 19.18 16.14 8.94
C LYS A 457 20.23 16.76 7.99
N SER A 458 19.90 16.89 6.70
CA SER A 458 20.89 17.39 5.75
C SER A 458 20.52 18.66 5.00
N GLY A 459 19.28 19.09 5.12
CA GLY A 459 18.79 20.27 4.41
C GLY A 459 18.66 20.04 2.92
N PHE A 460 18.88 21.12 2.15
CA PHE A 460 18.68 21.21 0.72
C PHE A 460 19.90 21.20 -0.15
N ARG A 461 21.14 21.17 0.41
CA ARG A 461 22.35 21.11 -0.41
C ARG A 461 22.36 19.88 -1.36
N GLY A 462 22.29 18.66 -0.81
CA GLY A 462 22.22 17.39 -1.53
C GLY A 462 21.07 17.39 -2.52
N PRO A 463 19.81 17.65 -2.09
CA PRO A 463 18.69 17.76 -3.06
C PRO A 463 18.90 18.74 -4.22
N LEU A 464 19.40 19.98 -3.94
CA LEU A 464 19.67 20.98 -4.98
C LEU A 464 20.76 20.61 -5.92
N ASN A 465 21.76 19.79 -5.49
CA ASN A 465 22.89 19.38 -6.36
C ASN A 465 22.47 18.51 -7.57
N TRP A 466 21.21 18.00 -7.60
CA TRP A 466 20.68 17.19 -8.72
C TRP A 466 20.50 18.13 -9.95
N TYR A 467 20.21 19.43 -9.68
CA TYR A 467 20.07 20.48 -10.71
C TYR A 467 21.42 21.07 -11.12
N ARG A 468 22.52 20.72 -10.40
CA ARG A 468 23.86 21.30 -10.55
C ARG A 468 24.88 20.47 -11.38
N ASN A 469 24.34 19.53 -12.15
CA ASN A 469 25.18 18.69 -13.00
C ASN A 469 24.74 18.69 -14.46
N MET A 470 24.05 19.78 -14.90
CA MET A 470 23.54 19.94 -16.27
C MET A 470 24.53 19.53 -17.38
N GLU A 471 25.72 20.16 -17.40
CA GLU A 471 26.76 19.93 -18.40
C GLU A 471 27.34 18.52 -18.36
N ARG A 472 27.65 18.04 -17.13
CA ARG A 472 28.17 16.70 -16.85
C ARG A 472 27.15 15.64 -17.31
N ASN A 473 25.86 15.84 -16.94
CA ASN A 473 24.76 14.93 -17.31
C ASN A 473 24.58 14.84 -18.81
N TRP A 474 24.62 16.00 -19.50
CA TRP A 474 24.51 16.18 -20.95
C TRP A 474 25.56 15.37 -21.70
N LYS A 475 26.84 15.54 -21.33
CA LYS A 475 27.98 14.85 -21.92
C LYS A 475 27.83 13.31 -21.85
N TRP A 476 27.35 12.80 -20.70
CA TRP A 476 27.13 11.38 -20.47
C TRP A 476 25.96 10.89 -21.31
N ALA A 477 24.86 11.66 -21.34
CA ALA A 477 23.62 11.35 -22.08
C ALA A 477 23.90 11.30 -23.60
N CYS A 478 24.81 12.16 -24.09
CA CYS A 478 25.20 12.23 -25.50
C CYS A 478 25.77 10.92 -26.04
N LYS A 479 26.40 10.11 -25.15
CA LYS A 479 26.98 8.79 -25.48
C LYS A 479 25.87 7.76 -25.80
N SER A 480 24.64 8.03 -25.33
CA SER A 480 23.48 7.14 -25.53
C SER A 480 22.61 7.51 -26.73
N LEU A 481 23.03 8.54 -27.48
CA LEU A 481 22.27 9.09 -28.60
C LEU A 481 21.84 8.12 -29.71
N GLY A 482 22.60 7.05 -29.92
CA GLY A 482 22.25 6.02 -30.91
C GLY A 482 21.44 4.85 -30.36
N ARG A 483 21.08 4.92 -29.06
CA ARG A 483 20.36 3.83 -28.42
C ARG A 483 18.85 3.98 -28.48
N LYS A 484 18.15 2.90 -28.15
CA LYS A 484 16.71 2.90 -28.03
C LYS A 484 16.33 2.15 -26.77
N ILE A 485 15.23 2.59 -26.10
CA ILE A 485 14.71 1.90 -24.92
C ILE A 485 13.76 0.85 -25.52
N LEU A 486 14.13 -0.43 -25.39
CA LEU A 486 13.45 -1.59 -25.95
C LEU A 486 12.96 -2.56 -24.87
N ILE A 487 13.26 -2.25 -23.61
CA ILE A 487 12.75 -3.00 -22.47
C ILE A 487 11.29 -2.49 -22.14
N PRO A 488 10.40 -3.23 -21.44
CA PRO A 488 9.04 -2.68 -21.16
C PRO A 488 9.08 -1.32 -20.45
N ALA A 489 8.36 -0.33 -21.00
CA ALA A 489 8.34 1.04 -20.47
C ALA A 489 6.97 1.68 -20.44
N LEU A 490 6.74 2.45 -19.35
CA LEU A 490 5.51 3.17 -19.10
C LEU A 490 5.78 4.65 -18.86
N MET A 491 5.00 5.51 -19.53
CA MET A 491 5.06 6.95 -19.31
C MET A 491 3.69 7.40 -18.75
N VAL A 492 3.68 8.01 -17.54
CA VAL A 492 2.41 8.53 -16.97
C VAL A 492 2.39 10.05 -16.98
N THR A 493 1.50 10.64 -17.76
CA THR A 493 1.41 12.09 -17.81
C THR A 493 0.35 12.61 -16.83
N ALA A 494 0.55 13.83 -16.30
CA ALA A 494 -0.40 14.46 -15.37
C ALA A 494 -0.85 15.77 -16.01
N GLU A 495 -2.16 15.87 -16.33
CA GLU A 495 -2.82 17.00 -17.00
C GLU A 495 -2.41 18.39 -16.50
N LYS A 496 -2.45 18.60 -15.19
CA LYS A 496 -2.17 19.92 -14.65
C LYS A 496 -0.75 20.15 -14.09
N ASP A 497 0.22 19.28 -14.48
CA ASP A 497 1.60 19.50 -14.07
C ASP A 497 2.09 20.56 -15.05
N PHE A 498 2.46 21.75 -14.54
CA PHE A 498 2.84 22.90 -15.35
C PHE A 498 4.33 23.11 -15.49
N VAL A 499 5.13 22.20 -14.94
CA VAL A 499 6.61 22.17 -15.06
C VAL A 499 6.95 21.02 -16.01
N LEU A 500 6.39 19.81 -15.70
CA LEU A 500 6.52 18.56 -16.46
C LEU A 500 5.17 18.35 -17.15
N VAL A 501 4.96 19.16 -18.19
CA VAL A 501 3.72 19.24 -18.98
C VAL A 501 3.54 17.97 -19.87
N PRO A 502 2.31 17.41 -20.00
CA PRO A 502 2.11 16.23 -20.87
C PRO A 502 2.60 16.35 -22.32
N GLN A 503 2.59 17.58 -22.90
CA GLN A 503 3.04 17.83 -24.27
C GLN A 503 4.53 17.55 -24.42
N MET A 504 5.33 17.75 -23.35
CA MET A 504 6.78 17.48 -23.34
C MET A 504 7.12 16.01 -23.69
N SER A 505 6.15 15.09 -23.47
CA SER A 505 6.28 13.64 -23.69
C SER A 505 5.90 13.17 -25.10
N GLN A 506 5.34 14.05 -25.96
CA GLN A 506 4.84 13.73 -27.31
C GLN A 506 5.76 12.99 -28.32
N HIS A 507 7.08 13.28 -28.31
CA HIS A 507 8.01 12.66 -29.26
C HIS A 507 8.68 11.35 -28.77
N MET A 508 8.32 10.89 -27.56
CA MET A 508 8.90 9.74 -26.86
C MET A 508 8.95 8.43 -27.62
N GLU A 509 7.92 8.13 -28.44
CA GLU A 509 7.85 6.93 -29.26
C GLU A 509 8.99 6.78 -30.30
N ASP A 510 9.65 7.89 -30.70
CA ASP A 510 10.81 7.83 -31.60
C ASP A 510 11.97 7.02 -31.00
N TRP A 511 12.09 7.04 -29.65
CA TRP A 511 13.17 6.41 -28.89
C TRP A 511 12.77 5.21 -28.04
N ILE A 512 11.46 5.13 -27.70
CA ILE A 512 10.84 4.05 -26.93
C ILE A 512 9.64 3.61 -27.78
N PRO A 513 9.87 2.85 -28.89
CA PRO A 513 8.74 2.50 -29.79
C PRO A 513 7.60 1.68 -29.21
N HIS A 514 7.89 0.80 -28.24
CA HIS A 514 6.88 -0.05 -27.58
C HIS A 514 6.31 0.58 -26.30
N LEU A 515 6.56 1.89 -26.10
CA LEU A 515 6.08 2.66 -24.95
C LEU A 515 4.58 2.50 -24.74
N LYS A 516 4.21 2.19 -23.48
CA LYS A 516 2.83 2.09 -23.02
C LYS A 516 2.57 3.38 -22.27
N ARG A 517 1.34 3.91 -22.37
CA ARG A 517 1.06 5.17 -21.69
C ARG A 517 -0.01 5.11 -20.63
N GLY A 518 0.02 6.11 -19.76
CA GLY A 518 -0.93 6.38 -18.69
C GLY A 518 -1.19 7.86 -18.65
N HIS A 519 -2.38 8.27 -18.25
CA HIS A 519 -2.69 9.69 -18.18
C HIS A 519 -3.62 9.98 -17.04
N ILE A 520 -3.34 11.05 -16.27
CA ILE A 520 -4.18 11.43 -15.13
C ILE A 520 -4.73 12.85 -15.29
N GLU A 521 -6.05 12.95 -15.36
CA GLU A 521 -6.74 14.21 -15.52
C GLU A 521 -6.86 14.88 -14.17
N ASP A 522 -6.92 16.24 -14.17
CA ASP A 522 -7.03 17.11 -12.99
C ASP A 522 -5.97 16.76 -11.91
N CYS A 523 -4.77 16.44 -12.37
CA CYS A 523 -3.65 16.05 -11.51
C CYS A 523 -2.51 17.04 -11.71
N GLY A 524 -2.01 17.57 -10.59
CA GLY A 524 -0.88 18.48 -10.58
C GLY A 524 0.43 17.72 -10.57
N HIS A 525 1.52 18.39 -10.15
CA HIS A 525 2.87 17.83 -10.10
C HIS A 525 3.11 16.70 -9.09
N TRP A 526 2.40 16.70 -7.96
CA TRP A 526 2.62 15.74 -6.87
C TRP A 526 1.71 14.56 -7.03
N THR A 527 1.83 13.91 -8.20
CA THR A 527 1.05 12.78 -8.70
C THR A 527 0.60 11.75 -7.67
N GLN A 528 1.54 11.19 -6.87
CA GLN A 528 1.28 10.14 -5.89
C GLN A 528 0.27 10.50 -4.82
N MET A 529 0.32 11.73 -4.30
CA MET A 529 -0.56 12.17 -3.21
C MET A 529 -1.80 12.91 -3.72
N ASP A 530 -1.72 13.41 -4.96
CA ASP A 530 -2.79 14.13 -5.64
C ASP A 530 -3.84 13.13 -6.08
N LYS A 531 -3.44 12.07 -6.82
CA LYS A 531 -4.33 11.04 -7.32
C LYS A 531 -3.82 9.62 -6.94
N PRO A 532 -3.68 9.29 -5.63
CA PRO A 532 -3.17 7.95 -5.24
C PRO A 532 -3.95 6.74 -5.76
N THR A 533 -5.29 6.80 -5.80
CA THR A 533 -6.13 5.70 -6.28
C THR A 533 -5.87 5.43 -7.78
N GLU A 534 -5.72 6.51 -8.57
CA GLU A 534 -5.46 6.48 -10.01
C GLU A 534 -4.05 5.94 -10.29
N VAL A 535 -3.02 6.52 -9.60
CA VAL A 535 -1.61 6.09 -9.66
C VAL A 535 -1.53 4.57 -9.41
N ASN A 536 -2.21 4.09 -8.37
CA ASN A 536 -2.21 2.67 -8.02
C ASN A 536 -2.83 1.80 -9.08
N GLN A 537 -3.98 2.21 -9.65
CA GLN A 537 -4.61 1.44 -10.74
C GLN A 537 -3.71 1.29 -11.99
N ILE A 538 -3.08 2.40 -12.45
CA ILE A 538 -2.20 2.47 -13.61
C ILE A 538 -0.95 1.59 -13.44
N LEU A 539 -0.24 1.74 -12.32
CA LEU A 539 0.96 0.99 -11.96
C LEU A 539 0.68 -0.52 -11.81
N ILE A 540 -0.40 -0.90 -11.07
CA ILE A 540 -0.74 -2.31 -10.85
C ILE A 540 -1.12 -3.02 -12.17
N LYS A 541 -1.95 -2.37 -13.01
CA LYS A 541 -2.32 -2.88 -14.32
C LYS A 541 -1.06 -3.07 -15.23
N TRP A 542 -0.15 -2.10 -15.21
CA TRP A 542 1.09 -2.16 -15.99
C TRP A 542 2.09 -3.21 -15.45
N LEU A 543 2.26 -3.30 -14.13
CA LEU A 543 3.12 -4.29 -13.50
C LEU A 543 2.64 -5.72 -13.83
N ASP A 544 1.33 -6.03 -13.66
CA ASP A 544 0.78 -7.38 -13.93
C ASP A 544 0.81 -7.83 -15.40
N SER A 545 0.79 -6.89 -16.34
CA SER A 545 0.87 -7.20 -17.77
C SER A 545 2.30 -7.19 -18.34
N ASP A 546 3.15 -6.24 -17.87
CA ASP A 546 4.51 -6.01 -18.37
C ASP A 546 5.71 -6.33 -17.47
N ALA A 547 5.52 -6.39 -16.15
CA ALA A 547 6.61 -6.70 -15.20
C ALA A 547 6.49 -8.08 -14.51
N ARG A 548 5.47 -8.89 -14.92
CA ARG A 548 5.13 -10.25 -14.43
C ARG A 548 4.36 -10.31 -13.10
N ASN A 549 4.99 -10.33 -12.02
C1 OE1 B . 15.41 22.07 -19.12
C1 OE1 B . 4.38 22.89 -7.82
C2 OE1 B . 14.63 20.79 -19.16
C2 OE1 B . 5.75 22.70 -8.42
C3 OE1 B . 13.96 20.50 -17.83
C3 OE1 B . 6.80 23.13 -7.43
N4 OE1 B . 14.16 19.11 -17.36
N4 OE1 B . 7.98 23.71 -8.11
C5 OE1 B . 14.25 18.11 -18.45
C5 OE1 B . 7.80 25.18 -8.20
C6 OE1 B . 12.94 17.38 -18.62
C6 OE1 B . 8.04 25.61 -9.63
C7 OE1 B . 13.14 16.33 -19.68
C7 OE1 B . 8.94 26.81 -9.58
S8 OE1 B . 15.25 18.90 -16.06
S8 OE1 B . 9.52 23.22 -7.52
O9 OE1 B . 15.98 17.65 -16.19
O9 OE1 B . 10.50 24.30 -7.66
O10 OE1 B . 16.02 20.12 -15.87
O10 OE1 B . 9.42 22.49 -6.27
C11 OE1 B . 14.19 18.73 -14.64
C11 OE1 B . 9.98 21.96 -8.69
C12 OE1 B . 13.88 17.47 -14.16
C12 OE1 B . 9.25 20.80 -8.62
C13 OE1 B . 13.06 17.29 -13.06
C13 OE1 B . 9.52 19.75 -9.48
C14 OE1 B . 12.58 18.46 -12.50
C14 OE1 B . 10.54 19.97 -10.37
C15 OE1 B . 12.87 19.73 -12.96
C15 OE1 B . 11.28 21.12 -10.46
C16 OE1 B . 13.69 19.89 -14.05
C16 OE1 B . 11.00 22.17 -9.59
N17 OE1 B . 12.25 20.66 -12.17
N17 OE1 B . 12.21 20.99 -11.44
C18 OE1 B . 11.58 20.02 -11.25
C18 OE1 B . 12.06 19.79 -11.97
N19 OE1 B . 11.77 18.68 -11.42
N19 OE1 B . 11.05 19.15 -11.33
C21 OE1 B . 10.81 20.58 -10.15
C21 OE1 B . 12.81 19.17 -13.03
C22 OE1 B . 10.23 19.78 -9.18
C22 OE1 B . 13.23 17.86 -12.93
C23 OE1 B . 9.55 20.32 -8.10
C23 OE1 B . 13.94 17.26 -13.95
C24 OE1 B . 9.42 21.69 -7.99
C24 OE1 B . 14.27 18.00 -15.08
C25 OE1 B . 9.98 22.50 -8.96
C25 OE1 B . 13.86 19.31 -15.18
C26 OE1 B . 10.67 21.95 -10.02
C26 OE1 B . 13.14 19.89 -14.17
H19 OE1 B . 11.38 17.95 -10.86
H19 OE1 B . 10.71 18.21 -11.56
#